data_8RQO
#
_entry.id   8RQO
#
_cell.length_a   110.199
_cell.length_b   110.199
_cell.length_c   134.579
_cell.angle_alpha   90.00
_cell.angle_beta   90.00
_cell.angle_gamma   120.00
#
_symmetry.space_group_name_H-M   'P 65 2 2'
#
loop_
_entity.id
_entity.type
_entity.pdbx_description
1 polymer 'Isoform Alpha-1 of Thyroid hormone receptor alpha'
2 non-polymer 6-azanyl-2-[3,5-bis(chloranyl)-4-[(6-oxidanylidene-5-propan-2-yl-1~{H}-pyridazin-3-yl)oxy]phenyl]-1,2,4-triazine-3,5-dione
3 non-polymer 'SULFATE ION'
4 water water
#
_entity_poly.entity_id   1
_entity_poly.type   'polypeptide(L)'
_entity_poly.pdbx_seq_one_letter_code
;MGSSHHHHHHSSGLVPRGSHMEEMIRSLQQRPEPTPEEWDLIHIATEAHRSTNAQGSHWKQRRKFLPDDIGQSPIVSMPD
GDKVDLEAFSEFTKIITPAITRVVDFAKKLPMFSELPCEDQIILLKGCCMEIMSLRAAVRYDPESDTLTLSGEMAVKREQ
LKNGGLGVVSDAIFELGKSLSAFNLDDTEVALLQAVLLMSTDRSGLLCVDKIEKSQEAYLLAFEHYVNHRKHNIPHFWPK
LLMKVTDLRMIGACHASRFLHMKVECPTELFPPLFLEVFEDQEV
;
_entity_poly.pdbx_strand_id   A
#
loop_
_chem_comp.id
_chem_comp.type
_chem_comp.name
_chem_comp.formula
A1H2J non-polymer 6-azanyl-2-[3,5-bis(chloranyl)-4-[(6-oxidanylidene-5-propan-2-yl-1~{H}-pyridazin-3-yl)oxy]phenyl]-1,2,4-triazine-3,5-dione 'C16 H14 Cl2 N6 O4'
SO4 non-polymer 'SULFATE ION' 'O4 S -2'
#
# COMPACT_ATOMS: atom_id res chain seq x y z
N SER A 19 -0.82 31.70 5.83
CA SER A 19 0.67 31.53 5.64
C SER A 19 1.49 32.78 6.08
N HIS A 20 1.21 33.26 7.30
CA HIS A 20 1.94 34.37 7.93
C HIS A 20 3.14 33.77 8.67
N MET A 21 4.34 34.30 8.39
CA MET A 21 5.62 33.84 8.94
C MET A 21 5.98 32.37 8.66
N GLU A 22 5.58 31.86 7.50
CA GLU A 22 5.79 30.44 7.19
C GLU A 22 7.28 30.05 7.07
N GLU A 23 8.09 30.89 6.43
CA GLU A 23 9.52 30.58 6.18
C GLU A 23 10.36 30.60 7.46
N MET A 24 10.07 31.54 8.37
CA MET A 24 10.67 31.53 9.72
C MET A 24 10.24 30.34 10.59
N ILE A 25 8.94 30.09 10.64
CA ILE A 25 8.37 28.93 11.36
C ILE A 25 8.98 27.58 10.89
N ARG A 26 9.20 27.47 9.59
CA ARG A 26 9.88 26.34 8.95
C ARG A 26 11.36 26.25 9.40
N SER A 27 12.08 27.38 9.29
CA SER A 27 13.46 27.56 9.83
C SER A 27 13.65 27.29 11.35
N LEU A 28 12.60 27.59 12.11
CA LEU A 28 12.53 27.34 13.56
C LEU A 28 12.10 25.92 14.04
N GLN A 29 11.58 25.05 13.16
CA GLN A 29 11.18 23.71 13.58
C GLN A 29 12.42 22.88 13.92
N GLN A 30 12.30 22.00 14.92
CA GLN A 30 13.31 21.02 15.24
C GLN A 30 13.12 19.86 14.29
N ARG A 31 14.16 19.52 13.51
CA ARG A 31 14.13 18.43 12.48
C ARG A 31 15.15 17.33 12.85
N PRO A 32 14.92 16.59 13.96
CA PRO A 32 15.90 15.59 14.40
C PRO A 32 16.11 14.42 13.42
N GLU A 33 17.36 13.98 13.30
CA GLU A 33 17.75 12.79 12.54
C GLU A 33 17.33 11.54 13.33
N PRO A 34 17.37 10.33 12.70
CA PRO A 34 17.05 9.11 13.46
C PRO A 34 18.14 8.72 14.46
N THR A 35 17.75 8.22 15.64
CA THR A 35 18.69 7.71 16.65
C THR A 35 19.33 6.38 16.18
N PRO A 36 20.46 5.96 16.78
CA PRO A 36 21.06 4.63 16.50
C PRO A 36 20.08 3.44 16.58
N GLU A 37 19.23 3.46 17.60
CA GLU A 37 18.14 2.49 17.76
C GLU A 37 17.06 2.57 16.65
N GLU A 38 16.73 3.78 16.21
CA GLU A 38 15.81 3.98 15.07
C GLU A 38 16.38 3.57 13.70
N TRP A 39 17.69 3.75 13.50
CA TRP A 39 18.37 3.23 12.30
C TRP A 39 18.34 1.68 12.17
N ASP A 40 18.21 0.96 13.30
CA ASP A 40 17.95 -0.51 13.28
C ASP A 40 16.62 -0.85 12.61
N LEU A 41 15.53 -0.22 13.08
CA LEU A 41 14.19 -0.40 12.49
C LEU A 41 14.15 -0.08 11.00
N ILE A 42 14.81 1.01 10.63
CA ILE A 42 14.81 1.57 9.28
C ILE A 42 15.46 0.61 8.27
N HIS A 43 16.65 0.12 8.60
CA HIS A 43 17.36 -0.83 7.74
C HIS A 43 16.62 -2.17 7.60
N ILE A 44 16.11 -2.70 8.71
CA ILE A 44 15.34 -3.97 8.73
C ILE A 44 14.07 -3.86 7.87
N ALA A 45 13.27 -2.83 8.16
CA ALA A 45 12.05 -2.53 7.39
C ALA A 45 12.31 -2.31 5.90
N THR A 46 13.36 -1.54 5.58
CA THR A 46 13.75 -1.26 4.19
C THR A 46 14.11 -2.56 3.44
N GLU A 47 14.87 -3.44 4.07
CA GLU A 47 15.22 -4.75 3.48
C GLU A 47 14.04 -5.74 3.42
N ALA A 48 13.15 -5.67 4.39
CA ALA A 48 11.88 -6.41 4.32
C ALA A 48 11.04 -6.00 3.10
N HIS A 49 11.00 -4.69 2.81
CA HIS A 49 10.28 -4.14 1.66
C HIS A 49 10.93 -4.53 0.33
N ARG A 50 12.23 -4.25 0.22
CA ARG A 50 13.01 -4.51 -1.00
C ARG A 50 12.92 -5.97 -1.42
N SER A 51 13.14 -6.88 -0.47
CA SER A 51 13.12 -8.35 -0.73
C SER A 51 11.74 -8.91 -1.11
N THR A 52 10.67 -8.30 -0.62
CA THR A 52 9.29 -8.69 -0.96
C THR A 52 8.64 -7.82 -2.07
N ASN A 53 9.44 -7.01 -2.78
CA ASN A 53 9.00 -6.22 -3.93
C ASN A 53 9.90 -6.54 -5.14
N ALA A 54 10.10 -7.86 -5.35
CA ALA A 54 11.24 -8.46 -6.12
C ALA A 54 11.66 -7.73 -7.40
N GLN A 55 10.69 -7.52 -8.28
CA GLN A 55 10.92 -6.86 -9.56
C GLN A 55 11.23 -5.33 -9.43
N GLY A 56 10.83 -4.70 -8.30
CA GLY A 56 11.17 -3.31 -7.87
C GLY A 56 12.43 -2.56 -8.33
N SER A 57 13.52 -3.32 -8.55
CA SER A 57 14.71 -2.82 -9.26
C SER A 57 14.43 -2.54 -10.76
N HIS A 58 13.88 -3.55 -11.46
CA HIS A 58 13.79 -3.61 -12.95
C HIS A 58 12.34 -3.70 -13.53
N TRP A 59 11.33 -3.23 -12.79
CA TRP A 59 9.91 -3.34 -13.25
C TRP A 59 9.61 -2.54 -14.51
N LYS A 60 10.11 -1.31 -14.58
CA LYS A 60 9.92 -0.43 -15.76
C LYS A 60 10.53 -1.03 -17.03
N GLN A 61 11.73 -1.62 -16.90
CA GLN A 61 12.44 -2.27 -18.03
C GLN A 61 11.75 -3.50 -18.63
N ARG A 62 11.10 -4.32 -17.79
CA ARG A 62 10.41 -5.56 -18.22
C ARG A 62 9.04 -5.69 -17.55
N ARG A 63 8.09 -4.92 -18.08
CA ARG A 63 6.67 -4.98 -17.72
C ARG A 63 5.87 -5.28 -18.98
N LYS A 64 4.90 -6.17 -18.85
CA LYS A 64 3.97 -6.52 -19.91
C LYS A 64 2.70 -5.70 -19.68
N PHE A 65 2.31 -4.90 -20.67
CA PHE A 65 1.03 -4.16 -20.66
C PHE A 65 -0.09 -5.15 -20.90
N LEU A 66 -1.08 -5.16 -19.99
CA LEU A 66 -2.32 -5.92 -20.19
C LEU A 66 -2.99 -5.40 -21.49
N PRO A 67 -3.36 -6.29 -22.45
CA PRO A 67 -3.89 -5.86 -23.77
C PRO A 67 -5.06 -4.86 -23.74
N ASP A 68 -5.16 -4.00 -24.76
CA ASP A 68 -6.20 -2.96 -24.82
C ASP A 68 -7.65 -3.45 -24.92
N ASP A 69 -7.85 -4.67 -25.41
CA ASP A 69 -9.20 -5.27 -25.48
C ASP A 69 -9.78 -5.81 -24.14
N ILE A 70 -8.92 -6.01 -23.11
CA ILE A 70 -9.31 -6.78 -21.93
C ILE A 70 -10.29 -6.06 -20.99
N GLY A 71 -9.98 -4.83 -20.61
CA GLY A 71 -10.87 -4.08 -19.71
C GLY A 71 -11.61 -2.93 -20.36
N GLN A 72 -11.92 -3.04 -21.65
CA GLN A 72 -12.33 -1.88 -22.47
C GLN A 72 -13.77 -1.44 -22.19
N SER A 73 -14.00 -0.12 -22.26
CA SER A 73 -15.34 0.53 -22.18
C SER A 73 -16.02 0.35 -20.82
N ASP A 80 -24.95 -3.77 -16.66
CA ASP A 80 -25.71 -2.58 -16.26
C ASP A 80 -24.76 -1.37 -16.09
N GLY A 81 -25.11 -0.38 -15.27
CA GLY A 81 -24.20 0.69 -14.88
C GLY A 81 -22.99 0.29 -14.03
N ASP A 82 -23.06 -0.88 -13.36
CA ASP A 82 -21.96 -1.39 -12.53
C ASP A 82 -21.92 -2.93 -12.57
N LYS A 83 -21.50 -3.44 -13.74
CA LYS A 83 -21.15 -4.85 -13.95
C LYS A 83 -19.62 -4.99 -14.08
N VAL A 84 -19.08 -6.09 -13.56
CA VAL A 84 -17.65 -6.44 -13.65
C VAL A 84 -17.38 -7.17 -14.96
N ASP A 85 -16.30 -6.79 -15.65
CA ASP A 85 -15.73 -7.52 -16.78
C ASP A 85 -14.96 -8.74 -16.25
N LEU A 86 -15.52 -9.92 -16.45
CA LEU A 86 -14.95 -11.17 -15.94
C LEU A 86 -13.63 -11.57 -16.55
N GLU A 87 -13.40 -11.24 -17.82
CA GLU A 87 -12.08 -11.44 -18.45
C GLU A 87 -10.97 -10.66 -17.70
N ALA A 88 -11.24 -9.38 -17.40
CA ALA A 88 -10.28 -8.55 -16.66
C ALA A 88 -10.11 -9.01 -15.21
N PHE A 89 -11.24 -9.26 -14.53
CA PHE A 89 -11.25 -9.86 -13.18
C PHE A 89 -10.38 -11.11 -13.11
N SER A 90 -10.56 -12.03 -14.06
CA SER A 90 -9.78 -13.27 -14.14
C SER A 90 -8.27 -13.04 -14.26
N GLU A 91 -7.88 -12.04 -15.06
CA GLU A 91 -6.48 -11.67 -15.19
C GLU A 91 -5.88 -11.13 -13.89
N PHE A 92 -6.66 -10.36 -13.13
CA PHE A 92 -6.23 -9.84 -11.82
C PHE A 92 -6.14 -10.92 -10.73
N THR A 93 -7.16 -11.77 -10.63
CA THR A 93 -7.16 -12.86 -9.65
C THR A 93 -6.12 -13.96 -9.96
N LYS A 94 -5.70 -14.10 -11.22
CA LYS A 94 -4.53 -14.95 -11.55
C LYS A 94 -3.23 -14.51 -10.82
N ILE A 95 -3.01 -13.21 -10.68
CA ILE A 95 -1.80 -12.65 -10.01
C ILE A 95 -1.91 -12.31 -8.51
N ILE A 96 -3.12 -12.29 -7.97
CA ILE A 96 -3.38 -11.74 -6.64
C ILE A 96 -2.87 -12.58 -5.46
N THR A 97 -2.82 -13.91 -5.63
CA THR A 97 -2.31 -14.80 -4.56
C THR A 97 -0.84 -14.51 -4.21
N PRO A 98 0.06 -14.40 -5.22
CA PRO A 98 1.43 -13.90 -4.94
C PRO A 98 1.48 -12.48 -4.37
N ALA A 99 0.60 -11.61 -4.85
CA ALA A 99 0.54 -10.23 -4.36
C ALA A 99 0.26 -10.17 -2.84
N ILE A 100 -0.79 -10.87 -2.42
CA ILE A 100 -1.13 -11.01 -0.99
C ILE A 100 0.03 -11.65 -0.20
N THR A 101 0.64 -12.68 -0.79
CA THR A 101 1.76 -13.38 -0.19
C THR A 101 2.96 -12.45 0.02
N ARG A 102 3.21 -11.53 -0.91
CA ARG A 102 4.30 -10.51 -0.74
C ARG A 102 4.10 -9.66 0.52
N VAL A 103 2.85 -9.31 0.81
CA VAL A 103 2.50 -8.53 2.00
C VAL A 103 2.71 -9.33 3.29
N VAL A 104 2.25 -10.57 3.31
CA VAL A 104 2.44 -11.48 4.46
C VAL A 104 3.94 -11.64 4.73
N ASP A 105 4.69 -11.89 3.65
CA ASP A 105 6.15 -12.02 3.69
C ASP A 105 6.85 -10.77 4.20
N PHE A 106 6.35 -9.60 3.82
CA PHE A 106 6.85 -8.33 4.38
C PHE A 106 6.65 -8.25 5.90
N ALA A 107 5.42 -8.55 6.37
CA ALA A 107 5.08 -8.52 7.80
C ALA A 107 5.92 -9.47 8.64
N LYS A 108 6.09 -10.69 8.14
CA LYS A 108 6.96 -11.70 8.78
C LYS A 108 8.43 -11.22 9.03
N LYS A 109 8.96 -10.41 8.12
CA LYS A 109 10.33 -9.85 8.23
C LYS A 109 10.53 -8.72 9.26
N LEU A 110 9.43 -8.15 9.78
CA LEU A 110 9.49 -7.17 10.89
C LEU A 110 9.48 -7.91 12.24
N PRO A 111 10.32 -7.49 13.21
CA PRO A 111 10.42 -8.28 14.46
C PRO A 111 9.20 -8.22 15.41
N MET A 112 8.61 -7.02 15.54
CA MET A 112 7.44 -6.81 16.40
C MET A 112 6.15 -7.51 15.91
N PHE A 113 6.11 -7.94 14.64
CA PHE A 113 5.00 -8.73 14.05
C PHE A 113 5.08 -10.23 14.30
N SER A 114 6.21 -10.85 13.94
CA SER A 114 6.36 -12.33 14.04
C SER A 114 6.15 -12.89 15.45
N GLU A 115 6.54 -12.12 16.47
CA GLU A 115 6.32 -12.47 17.89
C GLU A 115 4.83 -12.50 18.33
N LEU A 116 3.94 -11.79 17.63
CA LEU A 116 2.51 -11.69 18.00
C LEU A 116 1.75 -13.02 17.90
N PRO A 117 0.61 -13.17 18.63
CA PRO A 117 -0.23 -14.37 18.48
C PRO A 117 -0.76 -14.52 17.07
N CYS A 118 -1.17 -15.73 16.71
CA CYS A 118 -1.63 -16.01 15.36
C CYS A 118 -2.85 -15.17 14.99
N GLU A 119 -3.83 -15.10 15.88
CA GLU A 119 -5.08 -14.33 15.67
C GLU A 119 -4.83 -12.83 15.39
N ASP A 120 -3.87 -12.22 16.10
CA ASP A 120 -3.44 -10.83 15.84
C ASP A 120 -2.79 -10.63 14.47
N GLN A 121 -1.86 -11.52 14.09
CA GLN A 121 -1.23 -11.48 12.76
C GLN A 121 -2.28 -11.47 11.63
N ILE A 122 -3.32 -12.30 11.79
CA ILE A 122 -4.44 -12.41 10.83
C ILE A 122 -5.19 -11.07 10.76
N ILE A 123 -5.65 -10.59 11.91
CA ILE A 123 -6.40 -9.31 12.02
C ILE A 123 -5.66 -8.11 11.42
N LEU A 124 -4.36 -7.99 11.74
CA LEU A 124 -3.50 -6.94 11.19
C LEU A 124 -3.34 -7.00 9.67
N LEU A 125 -3.20 -8.21 9.12
CA LEU A 125 -3.10 -8.40 7.65
C LEU A 125 -4.42 -8.20 6.93
N LYS A 126 -5.51 -8.69 7.51
CA LYS A 126 -6.85 -8.43 6.97
C LYS A 126 -7.15 -6.93 6.89
N GLY A 127 -6.72 -6.18 7.90
CA GLY A 127 -6.90 -4.73 7.90
C GLY A 127 -6.09 -3.93 6.90
N CYS A 128 -4.82 -4.30 6.70
CA CYS A 128 -3.88 -3.51 5.89
C CYS A 128 -3.55 -4.05 4.50
N CYS A 129 -4.03 -5.25 4.15
CA CYS A 129 -3.49 -5.93 2.96
C CYS A 129 -3.69 -5.09 1.69
N MET A 130 -4.91 -4.65 1.43
CA MET A 130 -5.19 -3.79 0.27
C MET A 130 -4.54 -2.41 0.36
N GLU A 131 -4.47 -1.86 1.58
CA GLU A 131 -3.76 -0.60 1.83
C GLU A 131 -2.28 -0.68 1.32
N ILE A 132 -1.59 -1.77 1.63
CA ILE A 132 -0.19 -1.97 1.20
C ILE A 132 -0.06 -2.24 -0.31
N MET A 133 -0.93 -3.10 -0.85
CA MET A 133 -0.95 -3.46 -2.28
C MET A 133 -1.16 -2.21 -3.12
N SER A 134 -2.15 -1.41 -2.75
CA SER A 134 -2.47 -0.13 -3.40
C SER A 134 -1.33 0.88 -3.39
N LEU A 135 -0.66 1.01 -2.24
CA LEU A 135 0.52 1.87 -2.09
C LEU A 135 1.61 1.45 -3.06
N ARG A 136 1.91 0.15 -3.06
CA ARG A 136 2.90 -0.41 -3.98
C ARG A 136 2.60 -0.15 -5.46
N ALA A 137 1.33 -0.29 -5.84
CA ALA A 137 0.89 0.01 -7.22
C ALA A 137 1.02 1.48 -7.54
N ALA A 138 0.58 2.32 -6.61
CA ALA A 138 0.65 3.78 -6.78
C ALA A 138 2.08 4.33 -6.96
N VAL A 139 3.06 3.81 -6.21
CA VAL A 139 4.49 4.20 -6.41
C VAL A 139 5.05 3.76 -7.78
N ARG A 140 4.48 2.71 -8.37
CA ARG A 140 4.75 2.29 -9.77
C ARG A 140 3.90 3.01 -10.86
N TYR A 141 3.28 4.14 -10.51
CA TYR A 141 2.62 4.99 -11.50
C TYR A 141 3.64 5.61 -12.45
N ASP A 142 3.28 5.64 -13.74
CA ASP A 142 4.11 6.20 -14.80
C ASP A 142 3.30 7.31 -15.49
N PRO A 143 3.71 8.59 -15.32
CA PRO A 143 3.02 9.70 -16.02
C PRO A 143 2.99 9.60 -17.55
N GLU A 144 4.02 9.01 -18.15
CA GLU A 144 4.10 8.88 -19.62
C GLU A 144 2.93 8.10 -20.22
N SER A 145 2.76 6.85 -19.78
CA SER A 145 1.68 5.96 -20.27
C SER A 145 0.31 6.07 -19.56
N ASP A 146 0.26 6.77 -18.42
CA ASP A 146 -0.91 6.82 -17.50
C ASP A 146 -1.32 5.41 -17.08
N THR A 147 -0.33 4.69 -16.52
CA THR A 147 -0.50 3.29 -16.07
C THR A 147 0.14 3.04 -14.71
N LEU A 148 -0.48 2.16 -13.95
CA LEU A 148 0.12 1.55 -12.75
C LEU A 148 0.69 0.24 -13.19
N THR A 149 1.70 -0.24 -12.49
CA THR A 149 2.25 -1.57 -12.71
C THR A 149 2.05 -2.37 -11.43
N LEU A 150 1.46 -3.56 -11.58
CA LEU A 150 1.00 -4.40 -10.49
C LEU A 150 1.94 -5.59 -10.25
N SER A 151 2.59 -5.57 -9.09
CA SER A 151 3.47 -6.67 -8.62
C SER A 151 4.76 -6.75 -9.47
N GLY A 152 5.19 -5.60 -10.02
CA GLY A 152 6.33 -5.49 -10.94
C GLY A 152 6.22 -6.00 -12.39
N GLU A 153 5.05 -6.54 -12.74
CA GLU A 153 4.85 -7.34 -13.96
C GLU A 153 3.81 -6.70 -14.91
N MET A 154 2.58 -6.49 -14.42
CA MET A 154 1.40 -6.18 -15.25
C MET A 154 1.06 -4.70 -15.21
N ALA A 155 1.24 -4.02 -16.33
CA ALA A 155 0.91 -2.60 -16.46
C ALA A 155 -0.53 -2.46 -16.93
N VAL A 156 -1.30 -1.64 -16.24
CA VAL A 156 -2.75 -1.48 -16.50
C VAL A 156 -3.18 -0.02 -16.59
N LYS A 157 -4.15 0.26 -17.47
CA LYS A 157 -4.83 1.57 -17.56
C LYS A 157 -5.91 1.62 -16.48
N ARG A 158 -6.30 2.86 -16.11
CA ARG A 158 -7.38 3.12 -15.13
C ARG A 158 -8.70 2.39 -15.48
N GLU A 159 -9.13 2.49 -16.74
CA GLU A 159 -10.37 1.81 -17.22
C GLU A 159 -10.35 0.29 -16.99
N GLN A 160 -9.17 -0.33 -17.13
CA GLN A 160 -9.01 -1.78 -17.03
C GLN A 160 -9.16 -2.27 -15.61
N LEU A 161 -8.46 -1.57 -14.72
CA LEU A 161 -8.55 -1.85 -13.29
C LEU A 161 -9.93 -1.53 -12.69
N LYS A 162 -10.61 -0.52 -13.24
CA LYS A 162 -11.98 -0.17 -12.85
C LYS A 162 -12.97 -1.28 -13.19
N ASN A 163 -13.02 -1.62 -14.48
CA ASN A 163 -13.98 -2.63 -14.99
C ASN A 163 -13.67 -4.06 -14.56
N GLY A 164 -12.40 -4.34 -14.27
CA GLY A 164 -12.02 -5.62 -13.69
C GLY A 164 -12.43 -5.88 -12.27
N GLY A 165 -13.06 -4.92 -11.58
CA GLY A 165 -13.63 -5.11 -10.24
C GLY A 165 -13.55 -3.91 -9.31
N LEU A 166 -12.44 -3.17 -9.33
CA LEU A 166 -12.19 -2.10 -8.35
C LEU A 166 -13.12 -0.88 -8.43
N GLY A 167 -13.71 -0.58 -9.58
CA GLY A 167 -14.62 0.57 -9.73
C GLY A 167 -13.93 1.89 -9.35
N VAL A 168 -14.60 2.69 -8.51
CA VAL A 168 -14.05 3.97 -8.00
C VAL A 168 -12.69 3.87 -7.31
N VAL A 169 -12.38 2.71 -6.72
CA VAL A 169 -11.07 2.45 -6.09
C VAL A 169 -9.93 2.53 -7.13
N SER A 170 -10.20 2.10 -8.38
CA SER A 170 -9.27 2.32 -9.50
C SER A 170 -8.91 3.80 -9.59
N ASP A 171 -9.94 4.64 -9.68
CA ASP A 171 -9.75 6.10 -9.77
C ASP A 171 -8.96 6.65 -8.58
N ALA A 172 -9.27 6.15 -7.38
CA ALA A 172 -8.55 6.52 -6.16
C ALA A 172 -7.08 6.15 -6.14
N ILE A 173 -6.72 4.94 -6.60
CA ILE A 173 -5.31 4.50 -6.64
C ILE A 173 -4.52 5.32 -7.67
N PHE A 174 -5.08 5.49 -8.86
CA PHE A 174 -4.48 6.37 -9.87
C PHE A 174 -4.28 7.81 -9.41
N GLU A 175 -5.26 8.37 -8.72
CA GLU A 175 -5.17 9.75 -8.17
C GLU A 175 -4.08 9.83 -7.08
N LEU A 176 -3.93 8.76 -6.28
CA LEU A 176 -2.82 8.64 -5.33
C LEU A 176 -1.46 8.52 -6.05
N GLY A 177 -1.41 7.69 -7.09
CA GLY A 177 -0.19 7.51 -7.89
C GLY A 177 0.36 8.80 -8.49
N LYS A 178 -0.53 9.59 -9.07
CA LYS A 178 -0.20 10.91 -9.66
C LYS A 178 0.31 11.88 -8.60
N SER A 179 -0.36 11.90 -7.43
CA SER A 179 0.01 12.81 -6.34
C SER A 179 1.35 12.46 -5.65
N LEU A 180 1.70 11.16 -5.59
CA LEU A 180 2.99 10.66 -5.07
C LEU A 180 4.23 10.79 -6.01
N SER A 181 4.06 11.16 -7.28
CA SER A 181 5.21 11.47 -8.15
C SER A 181 6.06 12.62 -7.61
N ALA A 182 5.38 13.67 -7.12
CA ALA A 182 6.02 14.83 -6.45
C ALA A 182 6.83 14.50 -5.19
N PHE A 183 6.38 13.50 -4.42
CA PHE A 183 6.98 13.18 -3.12
C PHE A 183 8.36 12.48 -3.21
N ASN A 184 8.73 11.94 -4.37
CA ASN A 184 10.02 11.24 -4.61
C ASN A 184 10.39 10.25 -3.50
N LEU A 185 9.43 9.40 -3.14
CA LEU A 185 9.63 8.46 -2.04
C LEU A 185 10.62 7.37 -2.45
N ASP A 186 11.58 7.09 -1.58
CA ASP A 186 12.51 5.97 -1.76
C ASP A 186 11.92 4.67 -1.16
N ASP A 187 12.67 3.58 -1.29
CA ASP A 187 12.26 2.27 -0.72
C ASP A 187 12.02 2.30 0.80
N THR A 188 12.76 3.14 1.51
CA THR A 188 12.63 3.28 2.97
C THR A 188 11.35 3.97 3.40
N GLU A 189 11.00 5.08 2.73
CA GLU A 189 9.78 5.82 3.07
C GLU A 189 8.53 4.99 2.80
N VAL A 190 8.54 4.28 1.68
CA VAL A 190 7.49 3.29 1.33
C VAL A 190 7.43 2.17 2.40
N ALA A 191 8.58 1.58 2.72
CA ALA A 191 8.67 0.51 3.74
C ALA A 191 8.07 0.90 5.08
N LEU A 192 8.48 2.06 5.58
CA LEU A 192 7.98 2.55 6.87
C LEU A 192 6.51 2.90 6.83
N LEU A 193 6.06 3.46 5.71
CA LEU A 193 4.63 3.71 5.49
C LEU A 193 3.79 2.41 5.56
N GLN A 194 4.31 1.35 4.95
CA GLN A 194 3.71 0.01 5.04
C GLN A 194 3.65 -0.52 6.48
N ALA A 195 4.76 -0.37 7.19
CA ALA A 195 4.85 -0.75 8.60
C ALA A 195 3.84 0.00 9.47
N VAL A 196 3.68 1.31 9.23
CA VAL A 196 2.67 2.14 9.93
C VAL A 196 1.27 1.63 9.67
N LEU A 197 0.99 1.32 8.40
CA LEU A 197 -0.32 0.75 8.01
C LEU A 197 -0.59 -0.61 8.66
N LEU A 198 0.43 -1.47 8.69
CA LEU A 198 0.34 -2.81 9.28
C LEU A 198 0.02 -2.78 10.77
N MET A 199 0.78 -1.99 11.53
CA MET A 199 0.69 -1.96 13.00
C MET A 199 -0.38 -0.97 13.50
N SER A 200 -1.63 -1.12 13.08
CA SER A 200 -2.74 -0.26 13.51
C SER A 200 -3.57 -1.03 14.49
N THR A 201 -4.01 -0.35 15.56
CA THR A 201 -4.98 -0.88 16.53
C THR A 201 -6.44 -0.47 16.23
N ASP A 202 -6.69 0.10 15.04
CA ASP A 202 -8.06 0.45 14.58
C ASP A 202 -9.01 -0.75 14.30
N ARG A 203 -8.46 -1.96 14.27
CA ARG A 203 -9.20 -3.18 13.98
C ARG A 203 -9.70 -3.71 15.32
N SER A 204 -10.82 -4.44 15.28
CA SER A 204 -11.37 -5.13 16.44
C SER A 204 -10.85 -6.57 16.55
N GLY A 205 -10.89 -7.11 17.77
CA GLY A 205 -10.46 -8.48 18.08
C GLY A 205 -9.03 -8.72 18.56
N LEU A 206 -8.19 -7.68 18.60
CA LEU A 206 -6.76 -7.82 18.98
C LEU A 206 -6.55 -8.07 20.48
N LEU A 207 -5.74 -9.09 20.81
CA LEU A 207 -5.27 -9.36 22.18
C LEU A 207 -4.13 -8.39 22.58
N CYS A 208 -3.03 -8.40 21.81
CA CYS A 208 -1.80 -7.67 22.16
C CYS A 208 -1.84 -6.24 21.64
N VAL A 209 -2.71 -5.44 22.24
CA VAL A 209 -3.02 -4.08 21.73
C VAL A 209 -1.87 -3.12 22.05
N ASP A 210 -1.31 -3.21 23.25
CA ASP A 210 -0.25 -2.30 23.72
C ASP A 210 1.07 -2.50 22.96
N LYS A 211 1.47 -3.75 22.78
CA LYS A 211 2.66 -4.13 21.99
C LYS A 211 2.59 -3.64 20.53
N ILE A 212 1.38 -3.65 19.95
CA ILE A 212 1.12 -3.13 18.59
C ILE A 212 1.12 -1.60 18.58
N GLU A 213 0.38 -0.98 19.50
CA GLU A 213 0.34 0.50 19.64
C GLU A 213 1.75 1.08 19.84
N LYS A 214 2.53 0.44 20.72
CA LYS A 214 3.94 0.79 20.96
C LYS A 214 4.86 0.58 19.75
N SER A 215 4.58 -0.46 18.96
CA SER A 215 5.31 -0.69 17.70
C SER A 215 5.02 0.39 16.67
N GLN A 216 3.75 0.80 16.54
CA GLN A 216 3.37 1.83 15.57
C GLN A 216 4.03 3.16 15.86
N GLU A 217 3.93 3.60 17.11
CA GLU A 217 4.55 4.84 17.57
C GLU A 217 6.07 4.85 17.37
N ALA A 218 6.71 3.69 17.51
CA ALA A 218 8.14 3.55 17.20
C ALA A 218 8.44 3.71 15.70
N TYR A 219 7.62 3.11 14.85
CA TYR A 219 7.74 3.29 13.38
C TYR A 219 7.42 4.74 12.96
N LEU A 220 6.33 5.31 13.49
CA LEU A 220 5.92 6.71 13.17
C LEU A 220 7.03 7.71 13.46
N LEU A 221 7.64 7.57 14.63
CA LEU A 221 8.71 8.45 15.08
C LEU A 221 9.97 8.26 14.23
N ALA A 222 10.36 7.00 13.99
CA ALA A 222 11.48 6.66 13.07
C ALA A 222 11.28 7.20 11.65
N PHE A 223 10.03 7.21 11.20
CA PHE A 223 9.63 7.66 9.87
C PHE A 223 9.72 9.18 9.76
N GLU A 224 9.21 9.90 10.76
CA GLU A 224 9.35 11.37 10.81
C GLU A 224 10.82 11.79 10.79
N HIS A 225 11.64 11.09 11.57
CA HIS A 225 13.08 11.39 11.69
C HIS A 225 13.84 11.08 10.38
N TYR A 226 13.45 10.03 9.67
CA TYR A 226 14.02 9.71 8.36
C TYR A 226 13.64 10.75 7.28
N VAL A 227 12.40 11.20 7.34
CA VAL A 227 11.90 12.29 6.49
C VAL A 227 12.63 13.61 6.77
N ASN A 228 12.94 13.87 8.04
CA ASN A 228 13.84 14.96 8.42
C ASN A 228 15.23 14.77 7.79
N HIS A 229 15.77 13.54 7.87
CA HIS A 229 17.06 13.19 7.23
C HIS A 229 17.09 13.40 5.71
N ARG A 230 15.98 13.09 5.03
CA ARG A 230 15.92 13.18 3.57
C ARG A 230 15.93 14.61 3.03
N LYS A 231 15.28 15.54 3.74
CA LYS A 231 15.22 16.97 3.37
C LYS A 231 14.65 17.19 1.97
N HIS A 232 13.36 16.93 1.83
CA HIS A 232 12.63 17.16 0.57
C HIS A 232 12.41 18.66 0.43
N ASN A 233 12.50 19.18 -0.80
CA ASN A 233 12.26 20.61 -1.08
C ASN A 233 10.76 20.78 -1.39
N ILE A 234 9.93 20.49 -0.39
CA ILE A 234 8.45 20.49 -0.49
C ILE A 234 7.93 20.99 0.88
N PRO A 235 7.18 22.14 0.91
CA PRO A 235 6.64 22.60 2.21
C PRO A 235 5.63 21.63 2.83
N HIS A 236 5.62 21.58 4.15
CA HIS A 236 4.72 20.74 4.95
C HIS A 236 4.68 19.25 4.50
N PHE A 237 5.83 18.72 4.08
CA PHE A 237 5.98 17.36 3.52
C PHE A 237 5.43 16.29 4.45
N TRP A 238 5.87 16.31 5.69
CA TRP A 238 5.50 15.29 6.68
C TRP A 238 3.99 15.29 6.98
N PRO A 239 3.38 16.46 7.27
CA PRO A 239 1.90 16.50 7.38
C PRO A 239 1.15 16.01 6.13
N LYS A 240 1.63 16.43 4.95
CA LYS A 240 1.10 16.01 3.64
C LYS A 240 1.18 14.49 3.38
N LEU A 241 2.28 13.87 3.80
CA LEU A 241 2.45 12.41 3.64
C LEU A 241 1.57 11.63 4.62
N LEU A 242 1.41 12.13 5.83
CA LEU A 242 0.37 11.63 6.77
C LEU A 242 -1.10 11.71 6.26
N MET A 243 -1.45 12.70 5.44
CA MET A 243 -2.78 12.72 4.79
C MET A 243 -2.98 11.55 3.80
N LYS A 244 -1.89 11.07 3.19
CA LYS A 244 -1.93 9.87 2.33
C LYS A 244 -2.30 8.57 3.07
N VAL A 245 -1.98 8.48 4.36
CA VAL A 245 -2.49 7.38 5.19
C VAL A 245 -4.02 7.35 5.17
N THR A 246 -4.66 8.50 5.32
CA THR A 246 -6.13 8.57 5.20
C THR A 246 -6.63 8.11 3.82
N ASP A 247 -5.93 8.52 2.75
CA ASP A 247 -6.27 8.11 1.38
C ASP A 247 -6.22 6.60 1.22
N LEU A 248 -5.17 5.98 1.76
CA LEU A 248 -5.01 4.51 1.71
C LEU A 248 -6.03 3.76 2.56
N ARG A 249 -6.33 4.28 3.74
CA ARG A 249 -7.40 3.71 4.58
C ARG A 249 -8.77 3.76 3.90
N MET A 250 -9.05 4.86 3.18
CA MET A 250 -10.27 4.98 2.35
C MET A 250 -10.29 3.97 1.22
N ILE A 251 -9.14 3.77 0.55
CA ILE A 251 -8.98 2.69 -0.43
C ILE A 251 -9.31 1.31 0.19
N GLY A 252 -8.75 1.03 1.36
CA GLY A 252 -8.99 -0.25 2.02
C GLY A 252 -10.45 -0.51 2.39
N ALA A 253 -11.10 0.54 2.91
CA ALA A 253 -12.49 0.44 3.34
C ALA A 253 -13.44 0.29 2.14
N CYS A 254 -13.16 1.07 1.10
CA CYS A 254 -13.95 1.04 -0.13
C CYS A 254 -13.78 -0.27 -0.89
N HIS A 255 -12.58 -0.82 -0.88
CA HIS A 255 -12.32 -2.15 -1.42
C HIS A 255 -13.13 -3.26 -0.74
N ALA A 256 -13.33 -3.16 0.58
CA ALA A 256 -14.19 -4.13 1.29
C ALA A 256 -15.62 -4.14 0.74
N SER A 257 -16.13 -2.94 0.44
CA SER A 257 -17.43 -2.77 -0.22
C SER A 257 -17.44 -3.40 -1.65
N ARG A 258 -16.39 -3.13 -2.45
CA ARG A 258 -16.25 -3.70 -3.80
C ARG A 258 -16.09 -5.24 -3.80
N PHE A 259 -15.35 -5.78 -2.84
CA PHE A 259 -15.21 -7.23 -2.69
C PHE A 259 -16.55 -7.94 -2.50
N LEU A 260 -17.50 -7.34 -1.79
CA LEU A 260 -18.86 -7.90 -1.65
C LEU A 260 -19.59 -7.90 -2.99
N HIS A 261 -19.51 -6.76 -3.69
CA HIS A 261 -20.02 -6.62 -5.04
C HIS A 261 -19.43 -7.67 -5.97
N MET A 262 -18.11 -7.84 -5.94
CA MET A 262 -17.43 -8.86 -6.75
C MET A 262 -17.97 -10.25 -6.42
N LYS A 263 -18.13 -10.55 -5.13
CA LYS A 263 -18.63 -11.87 -4.69
C LYS A 263 -20.08 -12.14 -5.11
N VAL A 264 -20.88 -11.09 -5.20
CA VAL A 264 -22.26 -11.16 -5.74
C VAL A 264 -22.27 -11.44 -7.24
N GLU A 265 -21.48 -10.68 -8.01
CA GLU A 265 -21.57 -10.66 -9.47
C GLU A 265 -20.68 -11.67 -10.19
N CYS A 266 -19.46 -11.87 -9.70
CA CYS A 266 -18.49 -12.79 -10.34
C CYS A 266 -18.66 -14.24 -9.83
N PRO A 267 -18.44 -15.25 -10.72
CA PRO A 267 -18.47 -16.66 -10.27
C PRO A 267 -17.42 -16.97 -9.18
N THR A 268 -17.80 -17.80 -8.21
CA THR A 268 -16.91 -18.23 -7.10
C THR A 268 -15.60 -18.84 -7.57
N GLU A 269 -15.65 -19.59 -8.66
CA GLU A 269 -14.49 -20.39 -9.10
C GLU A 269 -13.30 -19.52 -9.50
N LEU A 270 -13.56 -18.26 -9.85
CA LEU A 270 -12.52 -17.24 -10.12
C LEU A 270 -11.85 -16.59 -8.91
N PHE A 271 -12.29 -16.90 -7.69
CA PHE A 271 -11.70 -16.36 -6.46
C PHE A 271 -10.73 -17.39 -5.93
N PRO A 272 -9.41 -17.06 -5.86
CA PRO A 272 -8.49 -17.98 -5.19
C PRO A 272 -8.76 -18.10 -3.68
N PRO A 273 -8.32 -19.21 -3.05
CA PRO A 273 -8.58 -19.41 -1.62
C PRO A 273 -8.00 -18.33 -0.68
N LEU A 274 -6.79 -17.88 -0.96
CA LEU A 274 -6.14 -16.85 -0.15
C LEU A 274 -6.85 -15.47 -0.27
N PHE A 275 -7.34 -15.18 -1.47
CA PHE A 275 -8.13 -13.97 -1.76
C PHE A 275 -9.40 -13.95 -0.90
N LEU A 276 -10.12 -15.07 -0.89
CA LEU A 276 -11.32 -15.24 -0.04
C LEU A 276 -11.01 -15.14 1.45
N GLU A 277 -9.90 -15.75 1.88
CA GLU A 277 -9.51 -15.74 3.29
C GLU A 277 -9.25 -14.33 3.83
N VAL A 278 -8.48 -13.55 3.08
CA VAL A 278 -8.10 -12.19 3.48
C VAL A 278 -9.26 -11.18 3.51
N PHE A 279 -10.20 -11.27 2.57
CA PHE A 279 -11.23 -10.22 2.40
C PHE A 279 -12.68 -10.52 2.81
N GLU A 280 -12.96 -11.71 3.35
CA GLU A 280 -14.35 -12.07 3.74
C GLU A 280 -14.64 -11.74 5.22
N ASP A 281 -15.93 -11.90 5.59
CA ASP A 281 -16.51 -11.68 6.93
C ASP A 281 -16.56 -10.21 7.37
C2 A1H2J B . 1.07 -4.61 -6.31
C4 A1H2J B . 2.62 -5.59 -4.78
C6 A1H2J B . 1.50 -6.27 -4.12
C11 A1H2J B . -1.75 -6.33 -6.84
C12 A1H2J B . -3.02 -6.35 -7.42
C16 A1H2J B . -6.08 -5.66 -7.24
C17 A1H2J B . -7.22 -6.11 -7.94
C18 A1H2J B . -8.32 -6.59 -7.26
C19 A1H2J B . -8.27 -6.62 -5.84
O20 A1H2J B . -9.20 -7.02 -5.15
N22 A1H2J B . -6.05 -5.70 -5.92
C23 A1H2J B . -9.57 -7.09 -7.97
C24 A1H2J B . -9.40 -8.58 -8.25
O1 A1H2J B . 0.95 -3.88 -7.27
N3 A1H2J B . 2.31 -4.79 -5.82
O5 A1H2J B . 3.77 -5.72 -4.42
N7 A1H2J B . 1.74 -7.06 -3.00
N8 A1H2J B . 0.29 -6.09 -4.62
N9 A1H2J B . 0.04 -5.26 -5.73
C10 A1H2J B . -1.26 -5.17 -6.25
CL13 A1H2J B . -3.62 -7.80 -8.13
C14 A1H2J B . -3.79 -5.18 -7.43
O15 A1H2J B . -5.02 -5.20 -7.98
N21 A1H2J B . -7.15 -6.18 -5.19
C25 A1H2J B . -9.90 -6.40 -9.29
C26 A1H2J B . -3.29 -4.01 -6.84
CL27 A1H2J B . -4.24 -2.56 -6.84
C28 A1H2J B . -2.03 -4.00 -6.28
S SO4 C . 6.92 21.52 8.17
O1 SO4 C . 7.60 21.76 6.86
O2 SO4 C . 7.05 20.09 8.56
O3 SO4 C . 7.49 22.40 9.20
O4 SO4 C . 5.48 21.83 8.11
#